data_3D40
#
_entry.id   3D40
#
_cell.length_a   88.361
_cell.length_b   88.361
_cell.length_c   79.046
_cell.angle_alpha   90.00
_cell.angle_beta   90.00
_cell.angle_gamma   120.00
#
_symmetry.space_group_name_H-M   'P 32 2 1'
#
loop_
_entity.id
_entity.type
_entity.pdbx_description
1 polymer 'FomA protein'
2 non-polymer DIPHOSPHATE
3 water water
#
_entity_poly.entity_id   1
_entity_poly.type   'polypeptide(L)'
_entity_poly.pdbx_seq_one_letter_code
;MGSSHHHHHHSSGLVPRGSHMTPDFLAIKVGGSLFSRKDEPGSLDDDAVTRFARNFARLAETYRGRMVLISGGGAFGHGA
IRDHDSTHAFSLAGLTEATFEVKKRWAEKLRGIGVDAFPLQLAAMCTLRNGIPQLRSEVLRDVLDHGALPVLAGDALFDE
HGKLWAFSSDRVPEVLLPMVEGRLRVVTLTDVDGIVTDGAGGDTILPEVDARSPEQAYAALWGSSEWDATGAMHTKLDAL
VTCARRGAECFIMRGDPGSDLEFLTAPFSSWPAHVRSTRITTTASA
;
_entity_poly.pdbx_strand_id   A
#
# COMPACT_ATOMS: atom_id res chain seq x y z
N SER A 12 19.80 5.54 15.12
CA SER A 12 18.42 6.13 15.04
C SER A 12 17.97 6.54 16.46
N GLY A 13 17.44 7.76 16.58
CA GLY A 13 17.02 8.24 17.89
C GLY A 13 15.59 7.84 18.24
N LEU A 14 15.14 8.28 19.41
CA LEU A 14 13.83 7.92 19.94
C LEU A 14 12.71 8.58 19.13
N VAL A 15 11.78 7.78 18.59
CA VAL A 15 10.68 8.31 17.82
C VAL A 15 9.42 8.19 18.68
N PRO A 16 8.78 9.33 19.00
CA PRO A 16 7.53 9.24 19.75
C PRO A 16 6.49 8.51 18.91
N ARG A 17 5.84 7.53 19.53
CA ARG A 17 4.81 6.77 18.80
C ARG A 17 3.59 6.55 19.67
N GLY A 18 2.46 6.27 19.03
CA GLY A 18 1.26 5.88 19.77
C GLY A 18 0.01 6.31 19.03
N SER A 19 -1.13 5.83 19.55
CA SER A 19 -2.40 6.05 18.86
C SER A 19 -2.85 7.51 18.93
N HIS A 20 -2.18 8.33 19.72
CA HIS A 20 -2.51 9.74 19.79
C HIS A 20 -1.60 10.63 18.91
N MET A 21 -0.68 10.02 18.16
CA MET A 21 0.28 10.77 17.37
C MET A 21 -0.19 10.82 15.92
N THR A 22 0.15 11.91 15.22
CA THR A 22 -0.16 12.06 13.79
C THR A 22 0.94 11.40 12.94
N PRO A 23 0.57 10.69 11.86
CA PRO A 23 1.61 10.12 10.99
C PRO A 23 2.43 11.18 10.27
N ASP A 24 3.70 10.88 10.02
CA ASP A 24 4.55 11.71 9.21
C ASP A 24 4.54 11.34 7.72
N PHE A 25 4.01 10.15 7.41
CA PHE A 25 4.06 9.67 6.02
C PHE A 25 2.92 8.69 5.86
N LEU A 26 2.25 8.75 4.68
CA LEU A 26 1.18 7.80 4.38
C LEU A 26 1.56 6.96 3.15
N ALA A 27 1.54 5.64 3.27
CA ALA A 27 1.62 4.78 2.10
C ALA A 27 0.26 4.15 1.98
N ILE A 28 -0.48 4.53 0.93
CA ILE A 28 -1.83 4.02 0.78
C ILE A 28 -1.86 3.08 -0.41
N LYS A 29 -2.33 1.85 -0.21
CA LYS A 29 -2.39 0.88 -1.31
C LYS A 29 -3.83 0.58 -1.61
N VAL A 30 -4.20 0.71 -2.89
CA VAL A 30 -5.57 0.46 -3.31
C VAL A 30 -5.68 -0.88 -4.04
N GLY A 31 -6.43 -1.82 -3.48
CA GLY A 31 -6.52 -3.13 -4.07
C GLY A 31 -7.14 -3.13 -5.46
N GLY A 32 -6.59 -3.98 -6.33
CA GLY A 32 -7.11 -4.13 -7.67
C GLY A 32 -8.58 -4.53 -7.65
N SER A 33 -9.00 -5.31 -6.64
CA SER A 33 -10.42 -5.77 -6.62
C SER A 33 -11.41 -4.59 -6.51
N LEU A 34 -10.91 -3.44 -6.10
CA LEU A 34 -11.77 -2.29 -5.84
C LEU A 34 -12.03 -1.48 -7.11
N PHE A 35 -11.25 -1.70 -8.17
CA PHE A 35 -11.43 -0.88 -9.37
C PHE A 35 -11.28 -1.67 -10.66
N SER A 36 -11.30 -3.00 -10.55
CA SER A 36 -11.26 -3.87 -11.72
C SER A 36 -11.89 -5.19 -11.37
N ARG A 37 -12.05 -6.02 -12.39
CA ARG A 37 -12.67 -7.34 -12.29
C ARG A 37 -11.79 -8.38 -12.99
N LYS A 38 -11.51 -9.47 -12.29
CA LYS A 38 -10.67 -10.56 -12.82
C LYS A 38 -11.25 -11.12 -14.10
N ASP A 39 -12.58 -11.21 -14.16
CA ASP A 39 -13.28 -11.69 -15.35
C ASP A 39 -13.46 -10.64 -16.44
N GLU A 40 -12.82 -9.48 -16.28
CA GLU A 40 -12.77 -8.49 -17.34
C GLU A 40 -11.36 -7.92 -17.37
N PRO A 41 -10.40 -8.75 -17.84
CA PRO A 41 -8.96 -8.44 -17.72
C PRO A 41 -8.56 -7.18 -18.48
N GLY A 42 -7.72 -6.37 -17.85
CA GLY A 42 -7.25 -5.14 -18.49
C GLY A 42 -8.20 -3.95 -18.41
N SER A 43 -9.46 -4.19 -18.11
CA SER A 43 -10.43 -3.11 -18.02
C SER A 43 -10.37 -2.60 -16.61
N LEU A 44 -10.44 -1.29 -16.45
CA LEU A 44 -10.62 -0.70 -15.12
C LEU A 44 -12.02 -0.08 -15.06
N ASP A 45 -12.57 0.02 -13.84
CA ASP A 45 -13.85 0.68 -13.62
C ASP A 45 -13.50 2.17 -13.47
N ASP A 46 -13.72 2.95 -14.52
CA ASP A 46 -13.34 4.36 -14.49
C ASP A 46 -14.08 5.17 -13.43
N ASP A 47 -15.33 4.82 -13.15
CA ASP A 47 -16.04 5.55 -12.12
C ASP A 47 -15.35 5.32 -10.77
N ALA A 48 -14.92 4.08 -10.50
CA ALA A 48 -14.24 3.79 -9.23
C ALA A 48 -12.93 4.56 -9.14
N VAL A 49 -12.15 4.51 -10.21
CA VAL A 49 -10.85 5.23 -10.26
C VAL A 49 -11.07 6.72 -10.02
N THR A 50 -12.08 7.29 -10.70
CA THR A 50 -12.34 8.70 -10.58
C THR A 50 -12.69 9.07 -9.13
N ARG A 51 -13.60 8.31 -8.52
CA ARG A 51 -14.04 8.64 -7.16
C ARG A 51 -12.91 8.40 -6.16
N PHE A 52 -12.19 7.28 -6.30
CA PHE A 52 -11.05 7.10 -5.38
C PHE A 52 -10.04 8.24 -5.54
N ALA A 53 -9.77 8.63 -6.80
CA ALA A 53 -8.76 9.65 -7.03
C ALA A 53 -9.12 10.95 -6.32
N ARG A 54 -10.38 11.34 -6.29
CA ARG A 54 -10.76 12.55 -5.57
C ARG A 54 -10.39 12.45 -4.08
N ASN A 55 -10.61 11.28 -3.49
CA ASN A 55 -10.26 11.11 -2.08
C ASN A 55 -8.76 11.04 -1.87
N PHE A 56 -8.04 10.39 -2.77
CA PHE A 56 -6.57 10.36 -2.60
C PHE A 56 -5.98 11.75 -2.80
N ALA A 57 -6.56 12.54 -3.71
CA ALA A 57 -6.07 13.90 -3.99
C ALA A 57 -6.11 14.73 -2.71
N ARG A 58 -7.19 14.58 -1.93
CA ARG A 58 -7.24 15.34 -0.67
C ARG A 58 -6.16 14.97 0.30
N LEU A 59 -5.93 13.67 0.44
CA LEU A 59 -4.82 13.21 1.24
C LEU A 59 -3.49 13.76 0.77
N ALA A 60 -3.30 13.79 -0.55
CA ALA A 60 -2.01 14.24 -1.11
C ALA A 60 -1.75 15.70 -0.83
N GLU A 61 -2.81 16.51 -0.72
CA GLU A 61 -2.71 17.96 -0.40
C GLU A 61 -2.07 18.10 0.97
N THR A 62 -2.58 17.34 1.94
CA THR A 62 -2.07 17.44 3.33
C THR A 62 -0.70 16.80 3.43
N TYR A 63 -0.58 15.61 2.82
N TYR A 63 -0.62 15.59 2.87
CA TYR A 63 0.70 14.86 2.85
CA TYR A 63 0.60 14.80 2.83
C TYR A 63 1.64 15.17 1.70
C TYR A 63 1.44 15.17 1.57
N ARG A 64 1.70 16.45 1.36
CA ARG A 64 2.48 16.89 0.18
C ARG A 64 3.93 16.43 0.38
N GLY A 65 4.48 15.61 -0.52
CA GLY A 65 5.86 15.14 -0.27
C GLY A 65 5.98 14.07 0.83
N ARG A 66 4.83 13.65 1.36
CA ARG A 66 4.80 12.73 2.52
C ARG A 66 3.83 11.58 2.27
N MET A 67 3.65 11.21 0.99
CA MET A 67 2.68 10.14 0.67
C MET A 67 3.11 9.45 -0.62
N VAL A 68 2.84 8.14 -0.65
CA VAL A 68 2.87 7.43 -1.94
C VAL A 68 1.53 6.74 -2.10
N LEU A 69 1.07 6.64 -3.35
CA LEU A 69 -0.08 5.82 -3.69
C LEU A 69 0.42 4.58 -4.38
N ILE A 70 0.00 3.39 -3.90
CA ILE A 70 0.43 2.12 -4.51
C ILE A 70 -0.82 1.51 -5.12
N SER A 71 -0.78 1.25 -6.42
CA SER A 71 -1.92 0.62 -7.07
C SER A 71 -1.74 -0.89 -7.12
N GLY A 72 -2.79 -1.63 -6.74
CA GLY A 72 -2.84 -3.06 -7.07
C GLY A 72 -3.27 -3.25 -8.52
N GLY A 73 -3.66 -4.45 -8.90
CA GLY A 73 -4.13 -4.66 -10.26
C GLY A 73 -2.97 -4.69 -11.24
N GLY A 74 -3.30 -4.61 -12.51
CA GLY A 74 -2.26 -4.70 -13.55
C GLY A 74 -1.61 -6.07 -13.57
N ALA A 75 -2.39 -7.12 -13.29
CA ALA A 75 -1.86 -8.47 -13.28
C ALA A 75 -1.43 -8.88 -14.69
N PHE A 76 -0.51 -9.82 -14.70
CA PHE A 76 0.05 -10.31 -15.93
C PHE A 76 -0.33 -11.77 -16.04
N ALA A 89 11.20 -17.83 -18.78
CA ALA A 89 12.55 -17.33 -18.48
C ALA A 89 12.39 -15.85 -18.19
N PHE A 90 12.02 -15.14 -19.22
CA PHE A 90 11.95 -13.71 -19.10
C PHE A 90 10.55 -13.25 -19.35
N SER A 91 9.60 -14.18 -19.43
CA SER A 91 8.25 -13.72 -19.79
C SER A 91 7.65 -12.83 -18.72
N LEU A 92 8.12 -13.00 -17.48
CA LEU A 92 7.65 -12.14 -16.40
C LEU A 92 7.93 -10.67 -16.67
N ALA A 93 8.82 -10.38 -17.64
CA ALA A 93 9.06 -8.99 -17.97
C ALA A 93 7.78 -8.27 -18.34
N GLY A 94 6.82 -9.01 -18.92
CA GLY A 94 5.55 -8.38 -19.32
C GLY A 94 4.80 -7.80 -18.12
N LEU A 95 5.07 -8.33 -16.91
CA LEU A 95 4.48 -7.76 -15.69
C LEU A 95 4.88 -6.29 -15.48
N THR A 96 6.13 -5.93 -15.80
CA THR A 96 6.52 -4.53 -15.58
C THR A 96 5.69 -3.59 -16.46
N GLU A 97 5.35 -4.08 -17.67
CA GLU A 97 4.56 -3.30 -18.61
C GLU A 97 3.12 -3.23 -18.14
N ALA A 98 2.61 -4.37 -17.64
CA ALA A 98 1.23 -4.39 -17.16
C ALA A 98 1.04 -3.46 -15.97
N THR A 99 1.98 -3.50 -15.02
CA THR A 99 1.74 -2.66 -13.86
C THR A 99 2.13 -1.20 -14.15
N PHE A 100 2.92 -0.96 -15.19
CA PHE A 100 3.10 0.44 -15.58
C PHE A 100 1.78 1.05 -16.03
N GLU A 101 1.00 0.28 -16.79
CA GLU A 101 -0.28 0.81 -17.29
C GLU A 101 -1.20 1.20 -16.15
N VAL A 102 -1.26 0.38 -15.12
CA VAL A 102 -2.14 0.74 -14.03
C VAL A 102 -1.63 2.03 -13.29
N LYS A 103 -0.30 2.20 -13.14
CA LYS A 103 0.19 3.43 -12.54
C LYS A 103 -0.16 4.64 -13.39
N LYS A 104 0.00 4.49 -14.72
CA LYS A 104 -0.38 5.56 -15.65
C LYS A 104 -1.85 5.93 -15.49
N ARG A 105 -2.71 4.93 -15.37
CA ARG A 105 -4.14 5.28 -15.22
C ARG A 105 -4.43 6.10 -13.99
N TRP A 106 -3.80 5.74 -12.87
CA TRP A 106 -4.02 6.57 -11.67
C TRP A 106 -3.34 7.93 -11.79
N ALA A 107 -2.12 7.95 -12.32
CA ALA A 107 -1.44 9.23 -12.39
C ALA A 107 -2.14 10.20 -13.32
N GLU A 108 -2.64 9.71 -14.46
CA GLU A 108 -3.39 10.59 -15.38
C GLU A 108 -4.62 11.15 -14.69
N LYS A 109 -5.34 10.29 -13.96
CA LYS A 109 -6.55 10.76 -13.34
C LYS A 109 -6.25 11.83 -12.29
N LEU A 110 -5.21 11.55 -11.48
CA LEU A 110 -4.87 12.49 -10.42
C LEU A 110 -4.36 13.80 -10.98
N ARG A 111 -3.55 13.76 -12.05
CA ARG A 111 -3.15 15.04 -12.66
C ARG A 111 -4.32 15.84 -13.20
N GLY A 112 -5.33 15.13 -13.70
CA GLY A 112 -6.59 15.73 -14.17
C GLY A 112 -7.29 16.56 -13.12
N ILE A 113 -7.06 16.21 -11.85
CA ILE A 113 -7.63 17.00 -10.74
C ILE A 113 -6.61 17.79 -9.93
N GLY A 114 -5.44 18.04 -10.53
CA GLY A 114 -4.52 19.03 -10.00
C GLY A 114 -3.42 18.46 -9.09
N VAL A 115 -3.28 17.14 -9.03
CA VAL A 115 -2.25 16.53 -8.19
C VAL A 115 -1.00 16.27 -9.03
N ASP A 116 0.17 16.56 -8.48
CA ASP A 116 1.43 16.32 -9.21
C ASP A 116 1.83 14.86 -9.08
N ALA A 117 1.05 14.02 -9.79
CA ALA A 117 1.23 12.57 -9.70
C ALA A 117 2.17 12.05 -10.78
N PHE A 118 3.19 11.27 -10.39
CA PHE A 118 4.19 10.83 -11.33
C PHE A 118 4.39 9.34 -11.12
N PRO A 119 4.15 8.50 -12.14
CA PRO A 119 4.28 7.04 -12.01
C PRO A 119 5.75 6.70 -12.03
N LEU A 120 6.16 5.77 -11.16
CA LEU A 120 7.58 5.31 -11.16
C LEU A 120 7.62 3.80 -11.22
N GLN A 121 8.37 3.29 -12.19
CA GLN A 121 8.55 1.85 -12.38
C GLN A 121 9.44 1.30 -11.26
N LEU A 122 8.85 0.53 -10.33
CA LEU A 122 9.64 0.00 -9.24
C LEU A 122 10.82 -0.84 -9.74
N ALA A 123 10.63 -1.55 -10.85
CA ALA A 123 11.73 -2.41 -11.40
C ALA A 123 12.98 -1.62 -11.81
N ALA A 124 12.82 -0.31 -12.10
CA ALA A 124 13.99 0.51 -12.46
C ALA A 124 14.68 1.10 -11.24
N MET A 125 14.09 0.86 -10.06
CA MET A 125 14.52 1.49 -8.80
C MET A 125 14.89 0.51 -7.71
N CYS A 126 14.57 -0.77 -7.90
CA CYS A 126 14.63 -1.70 -6.78
C CYS A 126 14.97 -3.07 -7.28
N THR A 127 15.84 -3.78 -6.57
CA THR A 127 16.14 -5.17 -6.93
C THR A 127 16.05 -6.02 -5.68
N LEU A 128 16.06 -7.33 -5.85
CA LEU A 128 16.05 -8.22 -4.66
C LEU A 128 17.44 -8.72 -4.34
N ARG A 129 17.73 -8.82 -3.03
CA ARG A 129 18.98 -9.44 -2.58
C ARG A 129 18.65 -10.27 -1.35
N ASN A 130 18.89 -11.57 -1.47
CA ASN A 130 18.55 -12.54 -0.42
C ASN A 130 17.05 -12.46 -0.12
N GLY A 131 16.24 -12.25 -1.16
CA GLY A 131 14.79 -12.10 -0.99
C GLY A 131 14.28 -10.78 -0.45
N ILE A 132 15.18 -9.86 -0.13
CA ILE A 132 14.77 -8.57 0.42
C ILE A 132 14.84 -7.46 -0.64
N PRO A 133 13.78 -6.68 -0.80
CA PRO A 133 13.82 -5.61 -1.80
C PRO A 133 14.84 -4.55 -1.38
N GLN A 134 15.61 -4.03 -2.33
CA GLN A 134 16.64 -3.04 -2.01
C GLN A 134 16.33 -1.84 -2.91
N LEU A 135 16.09 -0.66 -2.34
CA LEU A 135 15.89 0.55 -3.15
C LEU A 135 17.28 0.96 -3.64
N ARG A 136 17.43 1.07 -4.96
CA ARG A 136 18.70 1.25 -5.66
C ARG A 136 18.67 2.54 -6.46
N SER A 137 17.58 3.32 -6.39
CA SER A 137 17.49 4.62 -7.12
C SER A 137 17.16 5.70 -6.14
N GLU A 138 17.86 6.83 -6.25
CA GLU A 138 17.61 7.95 -5.36
C GLU A 138 16.38 8.77 -5.81
N VAL A 139 15.82 8.41 -6.97
CA VAL A 139 14.84 9.24 -7.53
C VAL A 139 13.57 9.31 -6.63
N LEU A 140 13.18 8.20 -6.03
CA LEU A 140 11.92 8.21 -5.24
C LEU A 140 11.98 9.25 -4.12
N ARG A 141 13.05 9.28 -3.36
CA ARG A 141 13.21 10.27 -2.31
C ARG A 141 13.22 11.69 -2.91
N ASP A 142 13.89 11.86 -4.05
CA ASP A 142 13.92 13.24 -4.64
C ASP A 142 12.53 13.69 -5.04
N VAL A 143 11.76 12.80 -5.67
CA VAL A 143 10.40 13.15 -6.14
C VAL A 143 9.54 13.59 -4.94
N LEU A 144 9.66 12.84 -3.85
CA LEU A 144 8.95 13.22 -2.61
C LEU A 144 9.41 14.58 -2.10
N ASP A 145 10.72 14.77 -2.08
CA ASP A 145 11.23 16.05 -1.58
C ASP A 145 10.79 17.24 -2.41
N HIS A 146 10.55 16.99 -3.70
CA HIS A 146 10.06 18.03 -4.59
C HIS A 146 8.56 18.29 -4.32
N GLY A 147 7.90 17.49 -3.49
CA GLY A 147 6.47 17.72 -3.22
C GLY A 147 5.52 16.98 -4.16
N ALA A 148 6.04 16.08 -4.97
CA ALA A 148 5.19 15.35 -5.90
C ALA A 148 4.64 14.08 -5.24
N LEU A 149 3.68 13.44 -5.91
CA LEU A 149 3.06 12.18 -5.44
C LEU A 149 3.55 11.03 -6.31
N PRO A 150 4.47 10.21 -5.81
CA PRO A 150 4.79 9.01 -6.57
C PRO A 150 3.63 8.05 -6.63
N VAL A 151 3.39 7.48 -7.83
CA VAL A 151 2.40 6.41 -7.94
C VAL A 151 3.21 5.17 -8.27
N LEU A 152 3.07 4.19 -7.38
CA LEU A 152 3.82 2.93 -7.44
C LEU A 152 2.84 1.78 -7.64
N ALA A 153 3.39 0.57 -7.80
CA ALA A 153 2.60 -0.64 -8.00
C ALA A 153 3.55 -1.83 -7.80
N GLY A 154 2.98 -3.03 -7.78
CA GLY A 154 3.83 -4.24 -7.83
C GLY A 154 4.62 -4.28 -9.15
N ASP A 155 5.48 -5.28 -9.28
CA ASP A 155 6.36 -5.27 -10.47
C ASP A 155 7.09 -6.59 -10.58
N ALA A 156 7.80 -6.76 -11.69
CA ALA A 156 8.79 -7.85 -11.83
C ALA A 156 10.14 -7.27 -11.45
N LEU A 157 10.77 -7.80 -10.42
CA LEU A 157 12.07 -7.31 -9.95
C LEU A 157 13.15 -8.34 -10.22
N PHE A 158 14.31 -7.87 -10.64
CA PHE A 158 15.50 -8.73 -10.75
C PHE A 158 16.10 -9.04 -9.37
N ASP A 159 16.59 -10.26 -9.22
CA ASP A 159 17.38 -10.58 -8.04
C ASP A 159 18.84 -10.50 -8.38
N GLU A 160 19.69 -10.86 -7.40
CA GLU A 160 21.14 -10.72 -7.56
C GLU A 160 21.74 -11.69 -8.57
N HIS A 161 20.96 -12.66 -9.01
CA HIS A 161 21.35 -13.65 -10.00
C HIS A 161 20.75 -13.38 -11.37
N GLY A 162 20.02 -12.26 -11.49
CA GLY A 162 19.39 -11.88 -12.76
C GLY A 162 18.04 -12.53 -13.03
N LYS A 163 17.49 -13.23 -12.03
CA LYS A 163 16.21 -13.88 -12.19
C LYS A 163 15.10 -12.88 -11.83
N LEU A 164 14.04 -12.85 -12.64
CA LEU A 164 12.87 -12.03 -12.34
C LEU A 164 11.90 -12.74 -11.40
N TRP A 165 11.38 -11.97 -10.47
CA TRP A 165 10.33 -12.41 -9.52
C TRP A 165 9.16 -11.44 -9.51
N ALA A 166 7.95 -11.99 -9.42
CA ALA A 166 6.77 -11.16 -9.22
C ALA A 166 6.77 -10.63 -7.81
N PHE A 167 6.77 -9.31 -7.66
CA PHE A 167 6.74 -8.66 -6.37
C PHE A 167 5.43 -7.97 -6.18
N SER A 168 4.61 -8.50 -5.26
CA SER A 168 3.25 -8.04 -5.13
C SER A 168 3.13 -6.56 -4.77
N SER A 169 2.07 -5.88 -5.29
CA SER A 169 1.76 -4.52 -4.80
C SER A 169 1.64 -4.44 -3.26
N ASP A 170 1.16 -5.55 -2.69
CA ASP A 170 0.99 -5.57 -1.25
C ASP A 170 2.31 -5.47 -0.45
N ARG A 171 3.45 -5.80 -1.11
CA ARG A 171 4.77 -5.74 -0.45
C ARG A 171 5.49 -4.43 -0.70
N VAL A 172 4.94 -3.58 -1.59
CA VAL A 172 5.64 -2.32 -1.92
C VAL A 172 5.88 -1.45 -0.69
N PRO A 173 4.96 -1.42 0.32
CA PRO A 173 5.33 -0.58 1.48
C PRO A 173 6.67 -0.99 2.11
N GLU A 174 7.05 -2.26 1.99
CA GLU A 174 8.34 -2.69 2.59
C GLU A 174 9.50 -1.89 2.05
N VAL A 175 9.40 -1.48 0.78
CA VAL A 175 10.56 -0.80 0.17
C VAL A 175 10.77 0.57 0.80
N LEU A 176 9.70 1.14 1.38
CA LEU A 176 9.80 2.48 1.96
C LEU A 176 10.47 2.50 3.34
N LEU A 177 10.63 1.33 3.96
CA LEU A 177 11.00 1.32 5.38
C LEU A 177 12.32 2.01 5.70
N PRO A 178 13.40 1.72 4.95
CA PRO A 178 14.64 2.42 5.27
C PRO A 178 14.67 3.89 4.87
N MET A 179 13.72 4.35 4.07
CA MET A 179 13.79 5.69 3.50
C MET A 179 12.92 6.70 4.26
N VAL A 180 11.85 6.23 4.89
CA VAL A 180 10.90 7.12 5.56
C VAL A 180 11.37 7.41 6.98
N GLU A 181 11.44 8.71 7.30
CA GLU A 181 11.77 9.12 8.67
C GLU A 181 10.49 9.42 9.44
N GLY A 182 10.51 9.13 10.72
CA GLY A 182 9.38 9.44 11.55
C GLY A 182 8.33 8.36 11.43
N ARG A 183 7.08 8.74 11.62
CA ARG A 183 6.00 7.77 11.80
C ARG A 183 5.32 7.45 10.45
N LEU A 184 5.53 6.22 9.96
CA LEU A 184 4.91 5.75 8.73
C LEU A 184 3.62 5.08 9.02
N ARG A 185 2.55 5.52 8.35
CA ARG A 185 1.29 4.79 8.38
C ARG A 185 1.06 4.09 7.04
N VAL A 186 0.77 2.80 7.09
CA VAL A 186 0.50 2.03 5.85
C VAL A 186 -0.95 1.60 5.86
N VAL A 187 -1.70 1.89 4.80
CA VAL A 187 -3.13 1.53 4.78
C VAL A 187 -3.35 0.72 3.53
N THR A 188 -3.81 -0.51 3.70
CA THR A 188 -4.15 -1.37 2.57
C THR A 188 -5.67 -1.47 2.44
N LEU A 189 -6.22 -0.89 1.37
CA LEU A 189 -7.65 -0.88 1.13
C LEU A 189 -8.02 -2.08 0.33
N THR A 190 -8.96 -2.85 0.86
CA THR A 190 -9.34 -4.10 0.25
C THR A 190 -10.86 -4.27 0.25
N ASP A 191 -11.33 -5.45 -0.10
CA ASP A 191 -12.79 -5.66 -0.17
C ASP A 191 -13.38 -6.29 1.07
N VAL A 192 -12.62 -6.28 2.17
CA VAL A 192 -13.11 -6.75 3.46
C VAL A 192 -12.74 -5.73 4.52
N ASP A 193 -13.37 -5.80 5.72
CA ASP A 193 -13.08 -4.80 6.75
C ASP A 193 -11.84 -5.06 7.56
N GLY A 194 -11.17 -6.18 7.33
CA GLY A 194 -9.97 -6.53 8.05
C GLY A 194 -9.83 -8.05 8.02
N ILE A 195 -9.06 -8.62 8.94
CA ILE A 195 -8.95 -10.06 9.07
C ILE A 195 -10.09 -10.61 9.89
N VAL A 196 -10.86 -11.53 9.31
CA VAL A 196 -12.01 -12.13 9.98
C VAL A 196 -11.58 -13.33 10.78
N THR A 197 -12.15 -13.47 11.97
CA THR A 197 -11.89 -14.58 12.86
C THR A 197 -13.22 -15.14 13.39
N ASP A 198 -13.18 -16.34 13.95
CA ASP A 198 -14.38 -16.94 14.53
C ASP A 198 -14.75 -16.22 15.84
N GLY A 202 -20.21 -15.73 15.94
CA GLY A 202 -19.92 -15.83 14.51
C GLY A 202 -18.68 -15.02 14.12
N ASP A 203 -18.52 -14.81 12.82
CA ASP A 203 -17.36 -14.08 12.30
C ASP A 203 -17.30 -12.66 12.83
N THR A 204 -16.09 -12.19 13.10
CA THR A 204 -15.86 -10.87 13.60
C THR A 204 -14.50 -10.43 13.12
N ILE A 205 -14.29 -9.12 13.03
CA ILE A 205 -13.00 -8.63 12.62
C ILE A 205 -12.01 -8.61 13.80
N LEU A 206 -10.80 -9.10 13.56
CA LEU A 206 -9.72 -8.99 14.54
C LEU A 206 -9.21 -7.52 14.57
N PRO A 207 -9.48 -6.77 15.64
CA PRO A 207 -9.11 -5.34 15.59
C PRO A 207 -7.64 -4.99 15.69
N GLU A 208 -6.88 -5.79 16.43
CA GLU A 208 -5.46 -5.52 16.69
C GLU A 208 -4.61 -6.77 16.52
N VAL A 209 -3.46 -6.58 15.90
CA VAL A 209 -2.48 -7.66 15.75
C VAL A 209 -1.15 -7.10 16.23
N ASP A 210 -0.46 -7.84 17.12
CA ASP A 210 0.89 -7.49 17.54
C ASP A 210 1.90 -8.16 16.64
N ALA A 211 2.63 -7.34 15.88
CA ALA A 211 3.57 -7.85 14.93
C ALA A 211 4.72 -8.62 15.53
N ARG A 212 4.96 -8.44 16.83
CA ARG A 212 6.03 -9.19 17.47
C ARG A 212 5.65 -10.64 17.61
N SER A 213 4.36 -10.93 17.67
CA SER A 213 3.96 -12.32 17.78
C SER A 213 2.53 -12.43 17.26
N PRO A 214 2.38 -12.44 15.92
CA PRO A 214 1.08 -12.40 15.24
C PRO A 214 0.44 -13.75 14.93
N GLU A 215 0.83 -14.78 15.66
CA GLU A 215 0.41 -16.13 15.29
C GLU A 215 -1.13 -16.29 15.25
N GLN A 216 -1.84 -15.57 16.13
CA GLN A 216 -3.30 -15.73 16.09
C GLN A 216 -3.93 -15.17 14.81
N ALA A 217 -3.32 -14.15 14.20
CA ALA A 217 -3.88 -13.61 12.96
C ALA A 217 -3.71 -14.62 11.82
N TYR A 218 -2.56 -15.32 11.82
CA TYR A 218 -2.34 -16.33 10.79
C TYR A 218 -3.30 -17.49 10.99
N ALA A 219 -3.63 -17.82 12.23
CA ALA A 219 -4.55 -18.92 12.54
C ALA A 219 -5.95 -18.48 12.03
N ALA A 220 -6.27 -17.19 12.18
CA ALA A 220 -7.59 -16.72 11.68
C ALA A 220 -7.68 -16.87 10.18
N LEU A 221 -6.61 -16.58 9.46
CA LEU A 221 -6.63 -16.72 8.00
C LEU A 221 -6.83 -18.17 7.61
N TRP A 222 -6.21 -19.12 8.32
CA TRP A 222 -6.38 -20.49 7.89
C TRP A 222 -7.84 -20.89 8.04
N GLY A 223 -8.42 -20.44 9.13
CA GLY A 223 -9.79 -20.79 9.50
C GLY A 223 -10.83 -20.12 8.62
N SER A 224 -10.50 -18.97 8.06
CA SER A 224 -11.47 -18.24 7.26
C SER A 224 -10.91 -17.95 5.88
N SER A 225 -10.78 -18.99 5.06
CA SER A 225 -10.26 -18.87 3.69
C SER A 225 -10.58 -20.12 2.85
N GLU A 226 -10.93 -19.90 1.58
CA GLU A 226 -11.34 -20.94 0.63
C GLU A 226 -12.61 -21.70 1.06
N GLY A 231 -3.46 -16.66 -2.11
CA GLY A 231 -2.85 -16.29 -0.81
C GLY A 231 -2.65 -14.79 -0.60
N ALA A 232 -3.58 -13.98 -1.13
CA ALA A 232 -3.37 -12.53 -1.12
C ALA A 232 -3.50 -11.93 0.29
N MET A 233 -4.44 -12.38 1.10
CA MET A 233 -4.49 -11.87 2.48
C MET A 233 -3.23 -12.26 3.30
N HIS A 234 -2.74 -13.48 3.08
CA HIS A 234 -1.48 -13.88 3.75
C HIS A 234 -0.33 -13.00 3.30
N THR A 235 -0.26 -12.64 2.01
CA THR A 235 0.77 -11.72 1.57
C THR A 235 0.65 -10.36 2.25
N LYS A 236 -0.59 -9.86 2.38
CA LYS A 236 -0.80 -8.58 3.09
C LYS A 236 -0.32 -8.65 4.53
N LEU A 237 -0.72 -9.71 5.20
CA LEU A 237 -0.33 -9.88 6.60
C LEU A 237 1.18 -9.94 6.72
N ASP A 238 1.86 -10.75 5.90
CA ASP A 238 3.33 -10.82 6.00
C ASP A 238 3.93 -9.41 5.77
N ALA A 239 3.44 -8.68 4.78
CA ALA A 239 4.08 -7.39 4.44
C ALA A 239 3.85 -6.40 5.57
N LEU A 240 2.64 -6.40 6.12
CA LEU A 240 2.35 -5.38 7.12
C LEU A 240 2.98 -5.74 8.47
N VAL A 241 3.12 -7.03 8.78
CA VAL A 241 3.93 -7.42 9.94
C VAL A 241 5.37 -6.95 9.78
N THR A 242 5.94 -7.13 8.60
CA THR A 242 7.30 -6.67 8.33
C THR A 242 7.42 -5.18 8.55
N CYS A 243 6.45 -4.42 8.04
CA CYS A 243 6.49 -2.96 8.21
C CYS A 243 6.32 -2.57 9.68
N ALA A 244 5.38 -3.22 10.38
CA ALA A 244 5.11 -2.89 11.78
C ALA A 244 6.31 -3.22 12.66
N ARG A 245 7.02 -4.29 12.33
CA ARG A 245 8.21 -4.59 13.15
C ARG A 245 9.28 -3.50 13.03
N ARG A 246 9.24 -2.74 11.94
CA ARG A 246 10.12 -1.59 11.74
C ARG A 246 9.44 -0.27 12.09
N GLY A 247 8.40 -0.33 12.92
CA GLY A 247 7.79 0.86 13.53
C GLY A 247 6.51 1.37 12.87
N ALA A 248 6.16 0.84 11.71
CA ALA A 248 5.02 1.41 10.99
C ALA A 248 3.72 1.07 11.69
N GLU A 249 2.69 1.92 11.50
CA GLU A 249 1.35 1.66 11.98
C GLU A 249 0.56 1.22 10.78
N CYS A 250 0.11 -0.03 10.78
CA CYS A 250 -0.46 -0.60 9.55
C CYS A 250 -1.92 -0.98 9.68
N PHE A 251 -2.64 -0.88 8.58
CA PHE A 251 -4.08 -1.20 8.60
C PHE A 251 -4.52 -2.00 7.38
N ILE A 252 -5.37 -2.99 7.59
CA ILE A 252 -6.14 -3.61 6.52
C ILE A 252 -7.57 -3.16 6.75
N MET A 253 -8.18 -2.55 5.73
CA MET A 253 -9.57 -2.07 5.92
C MET A 253 -10.28 -2.10 4.60
N ARG A 254 -11.56 -1.78 4.61
CA ARG A 254 -12.38 -1.82 3.37
C ARG A 254 -12.29 -0.54 2.59
N GLY A 255 -11.97 -0.65 1.31
CA GLY A 255 -12.04 0.53 0.45
C GLY A 255 -13.42 0.70 -0.17
N ASP A 256 -13.76 1.95 -0.43
CA ASP A 256 -15.02 2.25 -1.10
C ASP A 256 -14.79 3.54 -1.88
N PRO A 257 -14.98 3.50 -3.22
CA PRO A 257 -14.53 4.64 -4.04
C PRO A 257 -14.94 6.00 -3.51
N GLY A 258 -16.19 6.13 -3.11
CA GLY A 258 -16.67 7.43 -2.71
C GLY A 258 -16.40 7.82 -1.27
N SER A 259 -15.83 6.93 -0.46
CA SER A 259 -15.67 7.22 0.99
C SER A 259 -14.58 8.23 1.30
N ASP A 260 -14.91 9.13 2.22
CA ASP A 260 -14.01 10.16 2.69
C ASP A 260 -12.86 9.50 3.44
N LEU A 261 -11.64 9.93 3.15
CA LEU A 261 -10.47 9.29 3.78
C LEU A 261 -9.72 10.27 4.69
N GLU A 262 -10.28 11.45 4.96
CA GLU A 262 -9.53 12.48 5.70
C GLU A 262 -9.08 11.97 7.07
N PHE A 263 -9.82 11.02 7.66
CA PHE A 263 -9.42 10.50 8.97
C PHE A 263 -8.03 9.84 8.88
N LEU A 264 -7.58 9.42 7.68
CA LEU A 264 -6.23 8.80 7.58
C LEU A 264 -5.09 9.78 7.84
N THR A 265 -5.41 11.07 7.91
CA THR A 265 -4.39 12.06 8.32
C THR A 265 -4.26 12.20 9.83
N ALA A 266 -5.21 11.60 10.58
CA ALA A 266 -5.40 11.91 11.98
C ALA A 266 -4.88 10.78 12.86
N PRO A 267 -4.62 11.09 14.14
CA PRO A 267 -4.24 10.05 15.11
C PRO A 267 -5.31 8.97 15.15
N PHE A 268 -4.89 7.71 15.26
CA PHE A 268 -5.84 6.61 15.34
C PHE A 268 -6.86 6.80 16.44
N SER A 269 -6.48 7.37 17.58
CA SER A 269 -7.44 7.58 18.66
C SER A 269 -8.56 8.58 18.30
N SER A 270 -8.38 9.38 17.22
CA SER A 270 -9.34 10.39 16.81
C SER A 270 -10.26 9.93 15.69
N TRP A 271 -10.09 8.68 15.21
CA TRP A 271 -10.89 8.21 14.08
C TRP A 271 -12.38 8.11 14.42
N PRO A 272 -13.23 8.34 13.42
CA PRO A 272 -14.67 8.19 13.61
C PRO A 272 -15.01 6.80 14.07
N ALA A 273 -16.11 6.70 14.83
CA ALA A 273 -16.53 5.43 15.41
C ALA A 273 -16.94 4.38 14.37
N HIS A 274 -17.40 4.80 13.21
CA HIS A 274 -17.89 3.84 12.21
C HIS A 274 -16.74 3.04 11.56
N VAL A 275 -15.50 3.49 11.72
CA VAL A 275 -14.41 2.89 10.93
C VAL A 275 -14.04 1.51 11.49
N ARG A 276 -13.94 0.51 10.61
CA ARG A 276 -13.53 -0.80 11.06
C ARG A 276 -12.21 -1.13 10.36
N SER A 277 -11.32 -1.82 11.05
CA SER A 277 -10.02 -2.15 10.45
C SER A 277 -9.38 -3.22 11.28
N THR A 278 -8.33 -3.85 10.73
CA THR A 278 -7.36 -4.58 11.52
C THR A 278 -6.11 -3.73 11.58
N ARG A 279 -5.71 -3.36 12.79
CA ARG A 279 -4.53 -2.52 12.99
C ARG A 279 -3.36 -3.40 13.43
N ILE A 280 -2.22 -3.24 12.75
CA ILE A 280 -1.05 -4.05 13.01
C ILE A 280 0.10 -3.17 13.47
N THR A 281 0.59 -3.38 14.69
CA THR A 281 1.65 -2.54 15.25
C THR A 281 2.49 -3.43 16.15
N THR A 282 3.58 -2.90 16.69
CA THR A 282 4.45 -3.70 17.58
C THR A 282 4.61 -3.00 18.92
#